data_2ERB
#
_entry.id   2ERB
#
_cell.length_a   30.100
_cell.length_b   68.210
_cell.length_c   61.480
_cell.angle_alpha   90.00
_cell.angle_beta   99.77
_cell.angle_gamma   90.00
#
_symmetry.space_group_name_H-M   'P 1 21 1'
#
loop_
_entity.id
_entity.type
_entity.pdbx_description
1 polymer 'odorant binding protein'
2 non-polymer 'MAGNESIUM ION'
3 non-polymer 2,5,8,11,14,17,20,23,26,29,32,35,38,41,44,47,50,53,56,59,62,65,68,71,74,77,80-HEPTACOSAOXADOOCTACONTAN-82-OL
4 water water
#
_entity_poly.entity_id   1
_entity_poly.type   'polypeptide(L)'
_entity_poly.pdbx_seq_one_letter_code
;DTTPRRDAEYPPPELLEALKPLHDICLGKTGVTEEAIKKFSDEEIHEDEKLKCYMNCLFHEAKVVDDNGDVHLEKLHDSL
PSSMHDIAMHMGKRCLYPEGETLCDKAFWLHKCWKQSDPKHYFLV
;
_entity_poly.pdbx_strand_id   A,B
#
loop_
_chem_comp.id
_chem_comp.type
_chem_comp.name
_chem_comp.formula
MG non-polymer 'MAGNESIUM ION' 'Mg 2'
PEU non-polymer 2,5,8,11,14,17,20,23,26,29,32,35,38,41,44,47,50,53,56,59,62,65,68,71,74,77,80-HEPTACOSAOXADOOCTACONTAN-82-OL 'C55 H112 O28'
#
# COMPACT_ATOMS: atom_id res chain seq x y z
N THR A 3 -13.48 8.80 -19.71
CA THR A 3 -13.08 8.02 -20.92
C THR A 3 -11.61 7.67 -20.77
N PRO A 4 -11.22 6.45 -21.15
CA PRO A 4 -9.82 6.08 -21.01
C PRO A 4 -8.86 6.90 -21.86
N ARG A 5 -7.74 7.27 -21.26
CA ARG A 5 -6.72 8.01 -21.98
C ARG A 5 -5.94 7.04 -22.85
N ARG A 6 -6.00 7.29 -24.15
CA ARG A 6 -5.30 6.45 -25.13
C ARG A 6 -4.70 7.35 -26.20
N ASP A 7 -3.42 7.66 -26.08
CA ASP A 7 -2.78 8.51 -27.07
C ASP A 7 -1.34 8.05 -27.27
N ALA A 8 -0.53 8.84 -27.97
CA ALA A 8 0.85 8.44 -28.23
C ALA A 8 1.75 8.31 -27.01
N GLU A 9 1.40 8.96 -25.92
CA GLU A 9 2.23 8.90 -24.73
C GLU A 9 1.70 8.01 -23.62
N TYR A 10 0.39 7.76 -23.64
CA TYR A 10 -0.20 6.93 -22.58
C TYR A 10 -1.26 6.01 -23.16
N PRO A 11 -1.23 4.72 -22.80
CA PRO A 11 -0.28 4.04 -21.90
C PRO A 11 1.14 4.15 -22.43
N PRO A 12 2.14 4.12 -21.54
CA PRO A 12 3.55 4.24 -21.94
C PRO A 12 3.88 3.22 -23.00
N PRO A 13 4.31 3.68 -24.19
CA PRO A 13 4.64 2.77 -25.29
C PRO A 13 5.68 1.71 -24.94
N GLU A 14 6.70 2.09 -24.16
CA GLU A 14 7.74 1.12 -23.83
C GLU A 14 7.20 -0.01 -22.96
N LEU A 15 6.21 0.31 -22.13
CA LEU A 15 5.61 -0.72 -21.27
C LEU A 15 4.73 -1.62 -22.13
N LEU A 16 3.96 -1.02 -23.04
CA LEU A 16 3.12 -1.82 -23.93
C LEU A 16 4.02 -2.79 -24.72
N GLU A 17 5.17 -2.32 -25.19
CA GLU A 17 6.07 -3.18 -25.96
C GLU A 17 6.61 -4.32 -25.10
N ALA A 18 7.03 -4.01 -23.89
CA ALA A 18 7.55 -5.03 -22.99
C ALA A 18 6.49 -6.08 -22.62
N LEU A 19 5.23 -5.69 -22.58
CA LEU A 19 4.15 -6.61 -22.21
C LEU A 19 3.77 -7.61 -23.31
N LYS A 20 4.12 -7.34 -24.57
CA LYS A 20 3.75 -8.24 -25.66
C LYS A 20 4.08 -9.73 -25.47
N PRO A 21 5.34 -10.07 -25.14
CA PRO A 21 5.63 -11.49 -24.99
C PRO A 21 4.94 -12.13 -23.79
N LEU A 22 4.64 -11.33 -22.77
CA LEU A 22 3.93 -11.86 -21.59
C LEU A 22 2.48 -12.14 -21.99
N HIS A 23 1.91 -11.26 -22.80
CA HIS A 23 0.57 -11.46 -23.31
C HIS A 23 0.54 -12.78 -24.08
N ASP A 24 1.51 -13.00 -24.96
CA ASP A 24 1.51 -14.24 -25.72
C ASP A 24 1.58 -15.49 -24.83
N ILE A 25 2.47 -15.45 -23.85
CA ILE A 25 2.60 -16.61 -22.97
C ILE A 25 1.29 -16.84 -22.22
N CYS A 26 0.76 -15.78 -21.63
CA CYS A 26 -0.43 -15.90 -20.82
C CYS A 26 -1.72 -16.21 -21.55
N LEU A 27 -1.88 -15.67 -22.75
CA LEU A 27 -3.07 -16.00 -23.52
C LEU A 27 -2.99 -17.48 -23.92
N GLY A 28 -1.79 -17.95 -24.24
CA GLY A 28 -1.62 -19.34 -24.60
C GLY A 28 -1.89 -20.31 -23.45
N LYS A 29 -1.60 -19.87 -22.22
CA LYS A 29 -1.81 -20.70 -21.04
C LYS A 29 -3.26 -20.67 -20.52
N THR A 30 -3.89 -19.52 -20.62
CA THR A 30 -5.22 -19.36 -20.04
C THR A 30 -6.40 -19.43 -20.95
N GLY A 31 -6.20 -19.23 -22.25
CA GLY A 31 -7.30 -19.33 -23.18
C GLY A 31 -8.22 -18.12 -23.30
N VAL A 32 -7.84 -17.02 -22.67
CA VAL A 32 -8.62 -15.80 -22.76
C VAL A 32 -8.63 -15.31 -24.20
N THR A 33 -9.70 -14.61 -24.60
CA THR A 33 -9.74 -14.04 -25.95
C THR A 33 -9.16 -12.63 -25.96
N GLU A 34 -8.68 -12.23 -27.13
CA GLU A 34 -8.15 -10.90 -27.33
C GLU A 34 -9.25 -9.87 -27.02
N GLU A 35 -10.48 -10.16 -27.43
CA GLU A 35 -11.57 -9.22 -27.22
C GLU A 35 -11.90 -9.01 -25.73
N ALA A 36 -11.84 -10.07 -24.94
CA ALA A 36 -12.12 -9.92 -23.52
C ALA A 36 -11.14 -8.98 -22.86
N ILE A 37 -9.89 -9.07 -23.26
CA ILE A 37 -8.85 -8.18 -22.73
C ILE A 37 -9.14 -6.73 -23.13
N LYS A 38 -9.41 -6.51 -24.42
CA LYS A 38 -9.64 -5.14 -24.89
C LYS A 38 -10.89 -4.53 -24.24
N LYS A 39 -11.93 -5.33 -24.06
CA LYS A 39 -13.15 -4.83 -23.44
C LYS A 39 -12.91 -4.45 -21.96
N PHE A 40 -12.15 -5.25 -21.24
CA PHE A 40 -11.89 -4.91 -19.85
C PHE A 40 -11.02 -3.65 -19.79
N SER A 41 -10.09 -3.53 -20.73
CA SER A 41 -9.21 -2.37 -20.72
C SER A 41 -9.92 -1.06 -20.99
N ASP A 42 -10.72 -1.06 -22.07
CA ASP A 42 -11.35 0.16 -22.56
C ASP A 42 -12.81 0.39 -22.29
N GLU A 43 -13.52 -0.69 -21.99
CA GLU A 43 -14.96 -0.58 -21.79
C GLU A 43 -15.36 -0.98 -20.39
N GLU A 44 -16.47 -1.69 -20.24
CA GLU A 44 -16.92 -2.05 -18.90
C GLU A 44 -16.29 -3.26 -18.24
N ILE A 45 -16.22 -3.19 -16.92
CA ILE A 45 -15.74 -4.30 -16.12
C ILE A 45 -16.71 -5.45 -16.43
N HIS A 46 -16.17 -6.64 -16.68
CA HIS A 46 -17.00 -7.80 -16.99
C HIS A 46 -16.38 -9.05 -16.42
N GLU A 47 -17.24 -10.04 -16.20
CA GLU A 47 -16.87 -11.33 -15.61
C GLU A 47 -16.49 -12.36 -16.67
N ASP A 48 -15.23 -12.80 -16.65
CA ASP A 48 -14.73 -13.80 -17.58
C ASP A 48 -13.66 -14.57 -16.81
N GLU A 49 -13.92 -15.83 -16.50
CA GLU A 49 -12.97 -16.59 -15.70
C GLU A 49 -11.59 -16.77 -16.30
N LYS A 50 -11.51 -16.87 -17.64
CA LYS A 50 -10.21 -17.02 -18.27
C LYS A 50 -9.48 -15.68 -18.21
N LEU A 51 -10.21 -14.57 -18.30
CA LEU A 51 -9.58 -13.27 -18.17
C LEU A 51 -8.95 -13.13 -16.78
N LYS A 52 -9.62 -13.60 -15.74
CA LYS A 52 -9.07 -13.50 -14.40
C LYS A 52 -7.75 -14.26 -14.32
N CYS A 53 -7.72 -15.45 -14.93
CA CYS A 53 -6.47 -16.20 -14.89
C CYS A 53 -5.40 -15.57 -15.75
N TYR A 54 -5.79 -14.93 -16.85
CA TYR A 54 -4.81 -14.23 -17.67
C TYR A 54 -4.16 -13.14 -16.81
N MET A 55 -4.96 -12.44 -16.01
CA MET A 55 -4.45 -11.38 -15.13
C MET A 55 -3.44 -11.94 -14.13
N ASN A 56 -3.77 -13.09 -13.55
CA ASN A 56 -2.87 -13.72 -12.61
C ASN A 56 -1.57 -14.11 -13.31
N CYS A 57 -1.70 -14.69 -14.49
CA CYS A 57 -0.53 -15.10 -15.25
C CYS A 57 0.41 -13.94 -15.55
N LEU A 58 -0.15 -12.80 -15.92
CA LEU A 58 0.73 -11.65 -16.20
C LEU A 58 1.55 -11.26 -14.96
N PHE A 59 0.95 -11.30 -13.78
CA PHE A 59 1.70 -10.95 -12.58
C PHE A 59 2.84 -11.95 -12.38
N HIS A 60 2.57 -13.24 -12.60
CA HIS A 60 3.62 -14.24 -12.45
C HIS A 60 4.71 -14.05 -13.48
N GLU A 61 4.34 -13.84 -14.75
CA GLU A 61 5.35 -13.67 -15.79
C GLU A 61 6.15 -12.39 -15.65
N ALA A 62 5.57 -11.37 -15.00
CA ALA A 62 6.27 -10.12 -14.79
C ALA A 62 7.12 -10.17 -13.52
N LYS A 63 7.10 -11.31 -12.82
CA LYS A 63 7.88 -11.45 -11.59
C LYS A 63 7.56 -10.39 -10.54
N VAL A 64 6.26 -10.18 -10.29
CA VAL A 64 5.83 -9.23 -9.28
C VAL A 64 5.00 -9.92 -8.21
N VAL A 65 5.27 -11.21 -8.03
CA VAL A 65 4.56 -11.99 -7.02
C VAL A 65 5.51 -12.50 -5.94
N ASP A 66 4.91 -12.83 -4.79
CA ASP A 66 5.64 -13.37 -3.66
C ASP A 66 5.80 -14.90 -3.84
N ASP A 67 6.34 -15.58 -2.83
CA ASP A 67 6.60 -17.02 -2.91
C ASP A 67 5.40 -17.91 -3.07
N ASN A 68 4.21 -17.38 -2.80
CA ASN A 68 2.97 -18.15 -2.94
C ASN A 68 2.17 -17.71 -4.15
N GLY A 69 2.73 -16.81 -4.95
CA GLY A 69 2.04 -16.38 -6.15
C GLY A 69 1.14 -15.18 -5.95
N ASP A 70 1.09 -14.63 -4.75
CA ASP A 70 0.25 -13.46 -4.52
C ASP A 70 1.00 -12.20 -4.97
N VAL A 71 0.27 -11.20 -5.45
CA VAL A 71 0.90 -10.00 -5.92
C VAL A 71 1.63 -9.28 -4.79
N HIS A 72 2.85 -8.83 -5.08
CA HIS A 72 3.63 -8.07 -4.12
C HIS A 72 3.53 -6.65 -4.68
N LEU A 73 2.78 -5.78 -4.00
CA LEU A 73 2.54 -4.47 -4.55
C LEU A 73 3.75 -3.55 -4.70
N GLU A 74 4.79 -3.79 -3.91
CA GLU A 74 6.00 -2.97 -4.04
C GLU A 74 6.72 -3.43 -5.28
N LYS A 75 6.83 -4.74 -5.49
CA LYS A 75 7.47 -5.24 -6.71
C LYS A 75 6.74 -4.71 -7.92
N LEU A 76 5.41 -4.69 -7.85
CA LEU A 76 4.63 -4.19 -8.98
C LEU A 76 4.92 -2.72 -9.23
N HIS A 77 4.89 -1.92 -8.19
CA HIS A 77 5.14 -0.48 -8.35
C HIS A 77 6.52 -0.25 -8.98
N ASP A 78 7.52 -0.96 -8.47
CA ASP A 78 8.89 -0.84 -8.95
C ASP A 78 9.06 -1.26 -10.40
N SER A 79 8.18 -2.12 -10.89
CA SER A 79 8.29 -2.59 -12.26
C SER A 79 7.72 -1.61 -13.28
N LEU A 80 6.98 -0.63 -12.81
CA LEU A 80 6.37 0.34 -13.70
C LEU A 80 7.25 1.53 -14.06
N PRO A 81 7.03 2.10 -15.26
CA PRO A 81 7.82 3.27 -15.67
C PRO A 81 7.54 4.40 -14.65
N SER A 82 8.51 5.27 -14.40
CA SER A 82 8.30 6.38 -13.47
C SER A 82 7.12 7.27 -13.85
N SER A 83 6.87 7.40 -15.16
CA SER A 83 5.77 8.20 -15.66
C SER A 83 4.44 7.78 -15.07
N MET A 84 4.33 6.53 -14.61
CA MET A 84 3.05 6.17 -14.02
C MET A 84 3.10 5.84 -12.54
N HIS A 85 4.17 6.20 -11.87
CA HIS A 85 4.26 5.93 -10.45
C HIS A 85 3.19 6.64 -9.63
N ASP A 86 2.95 7.92 -9.92
CA ASP A 86 1.93 8.67 -9.18
C ASP A 86 0.54 8.12 -9.43
N ILE A 87 0.24 7.93 -10.71
CA ILE A 87 -1.05 7.41 -11.13
C ILE A 87 -1.26 6.06 -10.46
N ALA A 88 -0.24 5.22 -10.44
CA ALA A 88 -0.36 3.89 -9.83
C ALA A 88 -0.59 3.95 -8.34
N MET A 89 0.11 4.83 -7.66
CA MET A 89 -0.06 4.93 -6.24
C MET A 89 -1.48 5.32 -5.85
N HIS A 90 -2.05 6.29 -6.56
CA HIS A 90 -3.41 6.70 -6.21
C HIS A 90 -4.42 5.68 -6.65
N MET A 91 -4.13 5.04 -7.77
CA MET A 91 -5.02 4.03 -8.30
C MET A 91 -5.09 2.85 -7.36
N GLY A 92 -4.00 2.58 -6.63
CA GLY A 92 -3.94 1.44 -5.73
C GLY A 92 -4.02 1.63 -4.23
N LYS A 93 -4.02 2.88 -3.76
CA LYS A 93 -4.06 3.17 -2.32
C LYS A 93 -5.26 2.61 -1.56
N ARG A 94 -6.35 2.32 -2.26
CA ARG A 94 -7.50 1.72 -1.59
C ARG A 94 -7.75 0.33 -2.18
N CYS A 95 -6.67 -0.29 -2.67
CA CYS A 95 -6.72 -1.62 -3.24
C CYS A 95 -5.57 -2.45 -2.68
N LEU A 96 -5.31 -2.34 -1.38
CA LEU A 96 -4.14 -3.00 -0.79
C LEU A 96 -4.23 -4.47 -0.42
N TYR A 97 -5.43 -4.94 -0.10
CA TYR A 97 -5.59 -6.31 0.40
C TYR A 97 -6.60 -7.11 -0.39
N PRO A 98 -6.14 -7.74 -1.47
CA PRO A 98 -7.04 -8.52 -2.31
C PRO A 98 -7.84 -9.61 -1.61
N GLU A 99 -9.08 -9.79 -2.05
CA GLU A 99 -9.96 -10.82 -1.52
C GLU A 99 -10.22 -11.76 -2.70
N GLY A 100 -10.39 -13.03 -2.40
CA GLY A 100 -10.68 -14.00 -3.44
C GLY A 100 -10.16 -15.37 -3.09
N GLU A 101 -10.85 -16.41 -3.56
CA GLU A 101 -10.43 -17.77 -3.27
C GLU A 101 -9.12 -18.16 -3.98
N THR A 102 -9.09 -17.96 -5.29
CA THR A 102 -7.92 -18.35 -6.08
C THR A 102 -7.01 -17.18 -6.41
N LEU A 103 -5.82 -17.50 -6.92
CA LEU A 103 -4.89 -16.45 -7.36
C LEU A 103 -5.56 -15.68 -8.51
N CYS A 104 -6.35 -16.34 -9.34
CA CYS A 104 -7.03 -15.62 -10.43
C CYS A 104 -8.10 -14.69 -9.84
N ASP A 105 -8.80 -15.13 -8.80
CA ASP A 105 -9.82 -14.28 -8.18
C ASP A 105 -9.17 -13.03 -7.60
N LYS A 106 -8.02 -13.21 -6.93
CA LYS A 106 -7.35 -12.05 -6.33
C LYS A 106 -6.78 -11.11 -7.38
N ALA A 107 -6.33 -11.66 -8.50
CA ALA A 107 -5.77 -10.84 -9.56
C ALA A 107 -6.87 -9.98 -10.17
N PHE A 108 -8.03 -10.61 -10.38
CA PHE A 108 -9.18 -9.89 -10.90
C PHE A 108 -9.63 -8.82 -9.90
N TRP A 109 -9.61 -9.14 -8.61
CA TRP A 109 -9.99 -8.18 -7.58
C TRP A 109 -9.14 -6.92 -7.72
N LEU A 110 -7.83 -7.08 -7.92
CA LEU A 110 -6.92 -5.95 -8.10
C LEU A 110 -7.26 -5.14 -9.34
N HIS A 111 -7.37 -5.81 -10.50
CA HIS A 111 -7.67 -5.06 -11.70
C HIS A 111 -9.01 -4.32 -11.63
N LYS A 112 -10.02 -4.96 -11.08
CA LYS A 112 -11.31 -4.31 -10.92
C LYS A 112 -11.18 -3.09 -10.00
N CYS A 113 -10.45 -3.24 -8.89
CA CYS A 113 -10.28 -2.14 -7.93
C CYS A 113 -9.55 -0.97 -8.60
N TRP A 114 -8.48 -1.28 -9.34
CA TRP A 114 -7.74 -0.23 -10.05
C TRP A 114 -8.59 0.48 -11.09
N LYS A 115 -9.33 -0.28 -11.89
CA LYS A 115 -10.18 0.30 -12.93
C LYS A 115 -11.32 1.13 -12.31
N GLN A 116 -11.86 0.68 -11.20
CA GLN A 116 -12.91 1.45 -10.52
C GLN A 116 -12.32 2.75 -9.99
N SER A 117 -11.08 2.70 -9.49
CA SER A 117 -10.44 3.86 -8.91
C SER A 117 -10.06 4.94 -9.91
N ASP A 118 -9.55 4.54 -11.06
CA ASP A 118 -9.11 5.52 -12.06
C ASP A 118 -9.34 4.96 -13.46
N PRO A 119 -10.60 5.00 -13.94
CA PRO A 119 -10.87 4.47 -15.28
C PRO A 119 -10.13 5.18 -16.39
N LYS A 120 -9.77 6.45 -16.18
CA LYS A 120 -9.02 7.16 -17.21
C LYS A 120 -7.64 6.56 -17.48
N HIS A 121 -6.93 6.19 -16.41
CA HIS A 121 -5.59 5.65 -16.59
C HIS A 121 -5.48 4.14 -16.61
N TYR A 122 -6.53 3.46 -16.19
CA TYR A 122 -6.46 2.02 -16.22
C TYR A 122 -6.35 1.49 -17.66
N PHE A 123 -5.62 0.39 -17.82
CA PHE A 123 -5.53 -0.28 -19.12
C PHE A 123 -5.09 -1.70 -18.84
N LEU A 124 -5.36 -2.57 -19.80
CA LEU A 124 -4.96 -3.98 -19.75
C LEU A 124 -4.63 -4.38 -21.17
N VAL A 125 -3.48 -5.01 -21.36
CA VAL A 125 -3.13 -5.45 -22.69
C VAL A 125 -2.72 -6.91 -22.67
N THR B 3 16.35 17.21 9.44
CA THR B 3 15.73 17.80 10.67
C THR B 3 14.21 17.63 10.57
N PRO B 4 13.58 17.16 11.66
CA PRO B 4 12.14 16.99 11.57
C PRO B 4 11.33 18.29 11.52
N ARG B 5 10.22 18.23 10.79
CA ARG B 5 9.34 19.38 10.69
C ARG B 5 8.46 19.41 11.91
N ARG B 6 8.59 20.48 12.70
CA ARG B 6 7.82 20.68 13.90
C ARG B 6 7.47 22.15 13.96
N ASP B 7 6.26 22.47 13.52
CA ASP B 7 5.81 23.86 13.55
C ASP B 7 4.32 23.97 13.84
N ALA B 8 3.77 25.17 13.73
CA ALA B 8 2.36 25.34 14.05
C ALA B 8 1.37 24.49 13.25
N GLU B 9 1.74 24.10 12.04
CA GLU B 9 0.84 23.35 11.19
C GLU B 9 1.13 21.86 11.06
N TYR B 10 2.35 21.45 11.37
CA TYR B 10 2.71 20.04 11.23
C TYR B 10 3.63 19.59 12.36
N PRO B 11 3.33 18.41 12.98
CA PRO B 11 2.22 17.50 12.71
C PRO B 11 0.89 18.22 12.95
N PRO B 12 -0.17 17.79 12.26
CA PRO B 12 -1.50 18.41 12.41
C PRO B 12 -1.88 18.50 13.88
N PRO B 13 -2.14 19.72 14.38
CA PRO B 13 -2.51 19.83 15.79
C PRO B 13 -3.77 19.05 16.22
N GLU B 14 -4.76 18.92 15.35
CA GLU B 14 -5.97 18.16 15.70
C GLU B 14 -5.63 16.69 15.91
N LEU B 15 -4.62 16.21 15.18
CA LEU B 15 -4.23 14.83 15.30
C LEU B 15 -3.45 14.64 16.60
N LEU B 16 -2.55 15.57 16.90
CA LEU B 16 -1.80 15.49 18.15
C LEU B 16 -2.75 15.48 19.35
N GLU B 17 -3.78 16.34 19.31
CA GLU B 17 -4.74 16.40 20.40
C GLU B 17 -5.52 15.10 20.55
N ALA B 18 -5.93 14.51 19.43
CA ALA B 18 -6.67 13.25 19.45
C ALA B 18 -5.80 12.11 19.96
N LEU B 19 -4.49 12.23 19.75
CA LEU B 19 -3.59 11.16 20.21
C LEU B 19 -3.30 11.18 21.70
N LYS B 20 -3.50 12.32 22.35
CA LYS B 20 -3.21 12.42 23.79
C LYS B 20 -3.82 11.36 24.68
N PRO B 21 -5.12 11.10 24.55
CA PRO B 21 -5.74 10.08 25.41
C PRO B 21 -5.17 8.67 25.17
N LEU B 22 -4.78 8.39 23.93
CA LEU B 22 -4.25 7.09 23.58
C LEU B 22 -2.86 6.97 24.17
N HIS B 23 -2.12 8.07 24.15
CA HIS B 23 -0.79 8.12 24.74
C HIS B 23 -0.89 7.76 26.23
N ASP B 24 -1.84 8.39 26.94
CA ASP B 24 -1.98 8.10 28.36
C ASP B 24 -2.25 6.62 28.63
N ILE B 25 -3.20 6.03 27.90
CA ILE B 25 -3.51 4.61 28.06
C ILE B 25 -2.32 3.73 27.76
N CYS B 26 -1.73 3.96 26.59
CA CYS B 26 -0.63 3.13 26.16
C CYS B 26 0.68 3.29 26.91
N LEU B 27 1.02 4.50 27.31
CA LEU B 27 2.26 4.67 28.09
C LEU B 27 2.04 4.02 29.46
N GLY B 28 0.83 4.17 30.01
CA GLY B 28 0.56 3.57 31.29
C GLY B 28 0.61 2.05 31.25
N LYS B 29 0.09 1.43 30.19
CA LYS B 29 0.07 -0.02 30.08
C LYS B 29 1.40 -0.66 29.76
N THR B 30 2.22 0.05 28.98
CA THR B 30 3.51 -0.50 28.55
C THR B 30 4.70 -0.11 29.41
N GLY B 31 4.62 1.02 30.10
CA GLY B 31 5.75 1.39 30.93
C GLY B 31 6.88 2.10 30.19
N VAL B 32 6.63 2.47 28.94
CA VAL B 32 7.63 3.21 28.16
C VAL B 32 7.73 4.62 28.77
N THR B 33 8.84 5.32 28.52
CA THR B 33 8.96 6.68 29.05
C THR B 33 8.65 7.69 27.96
N GLU B 34 8.25 8.91 28.37
CA GLU B 34 7.99 9.98 27.43
C GLU B 34 9.27 10.30 26.66
N GLU B 35 10.41 10.24 27.35
CA GLU B 35 11.68 10.54 26.71
C GLU B 35 11.99 9.57 25.58
N ALA B 36 11.67 8.29 25.77
CA ALA B 36 11.93 7.29 24.74
C ALA B 36 11.08 7.60 23.51
N ILE B 37 9.86 8.03 23.74
CA ILE B 37 8.97 8.37 22.64
C ILE B 37 9.50 9.58 21.88
N LYS B 38 9.86 10.65 22.62
CA LYS B 38 10.36 11.85 21.98
C LYS B 38 11.66 11.61 21.24
N LYS B 39 12.53 10.78 21.78
CA LYS B 39 13.80 10.48 21.11
C LYS B 39 13.54 9.77 19.78
N PHE B 40 12.62 8.82 19.77
CA PHE B 40 12.31 8.11 18.52
C PHE B 40 11.63 9.06 17.53
N SER B 41 10.79 9.95 18.04
CA SER B 41 10.11 10.90 17.17
C SER B 41 11.04 11.92 16.51
N ASP B 42 11.87 12.54 17.33
CA ASP B 42 12.73 13.64 16.90
C ASP B 42 14.20 13.41 16.67
N GLU B 43 14.73 12.36 17.27
CA GLU B 43 16.15 12.07 17.16
C GLU B 43 16.38 10.75 16.46
N GLU B 44 17.32 9.96 16.95
CA GLU B 44 17.65 8.71 16.30
C GLU B 44 16.79 7.52 16.63
N ILE B 45 16.66 6.63 15.64
CA ILE B 45 15.93 5.39 15.81
C ILE B 45 16.67 4.66 16.94
N HIS B 46 15.92 4.10 17.86
CA HIS B 46 16.54 3.35 18.94
C HIS B 46 15.69 2.17 19.30
N GLU B 47 16.32 1.23 19.98
CA GLU B 47 15.70 0.00 20.40
C GLU B 47 15.30 0.12 21.87
N ASP B 48 14.01 0.01 22.09
CA ASP B 48 13.42 0.05 23.43
C ASP B 48 12.23 -0.90 23.28
N GLU B 49 12.25 -2.04 23.96
CA GLU B 49 11.16 -3.00 23.79
C GLU B 49 9.79 -2.48 24.24
N LYS B 50 9.75 -1.69 25.30
CA LYS B 50 8.46 -1.17 25.75
C LYS B 50 7.93 -0.16 24.73
N LEU B 51 8.84 0.53 24.04
CA LEU B 51 8.42 1.46 23.00
C LEU B 51 7.74 0.68 21.86
N LYS B 52 8.27 -0.49 21.53
CA LYS B 52 7.67 -1.31 20.47
C LYS B 52 6.24 -1.63 20.85
N CYS B 53 6.02 -2.02 22.10
CA CYS B 53 4.69 -2.37 22.49
C CYS B 53 3.79 -1.15 22.63
N TYR B 54 4.36 0.00 22.94
CA TYR B 54 3.59 1.24 23.02
C TYR B 54 3.06 1.51 21.59
N MET B 55 3.90 1.31 20.59
CA MET B 55 3.49 1.53 19.20
C MET B 55 2.33 0.61 18.84
N ASN B 56 2.43 -0.66 19.23
CA ASN B 56 1.36 -1.60 18.94
C ASN B 56 0.08 -1.15 19.64
N CYS B 57 0.23 -0.73 20.89
CA CYS B 57 -0.93 -0.28 21.66
C CYS B 57 -1.62 0.90 20.98
N LEU B 58 -0.86 1.87 20.48
CA LEU B 58 -1.52 3.00 19.84
C LEU B 58 -2.35 2.55 18.65
N PHE B 59 -1.85 1.59 17.87
CA PHE B 59 -2.61 1.12 16.71
C PHE B 59 -3.91 0.46 17.15
N HIS B 60 -3.87 -0.32 18.23
CA HIS B 60 -5.08 -0.97 18.71
C HIS B 60 -6.08 0.06 19.26
N GLU B 61 -5.59 0.99 20.06
CA GLU B 61 -6.46 2.01 20.64
C GLU B 61 -7.06 2.92 19.58
N ALA B 62 -6.34 3.12 18.48
CA ALA B 62 -6.82 3.97 17.39
C ALA B 62 -7.74 3.22 16.45
N LYS B 63 -7.94 1.93 16.71
CA LYS B 63 -8.82 1.12 15.88
C LYS B 63 -8.43 1.09 14.40
N VAL B 64 -7.13 0.90 14.14
CA VAL B 64 -6.64 0.80 12.78
C VAL B 64 -6.00 -0.56 12.53
N VAL B 65 -6.49 -1.57 13.26
CA VAL B 65 -6.00 -2.92 13.12
C VAL B 65 -7.09 -3.87 12.64
N ASP B 66 -6.66 -5.00 12.07
CA ASP B 66 -7.60 -6.00 11.60
C ASP B 66 -7.95 -6.95 12.75
N ASP B 67 -8.71 -8.00 12.48
CA ASP B 67 -9.09 -8.89 13.57
C ASP B 67 -7.97 -9.72 14.21
N ASN B 68 -6.80 -9.73 13.59
CA ASN B 68 -5.65 -10.44 14.14
C ASN B 68 -4.78 -9.46 14.92
N GLY B 69 -5.16 -8.17 14.86
CA GLY B 69 -4.39 -7.15 15.55
C GLY B 69 -3.30 -6.53 14.69
N ASP B 70 -3.22 -6.92 13.42
CA ASP B 70 -2.20 -6.34 12.53
C ASP B 70 -2.72 -5.03 11.97
N VAL B 71 -1.80 -4.10 11.72
CA VAL B 71 -2.18 -2.82 11.17
C VAL B 71 -2.84 -2.97 9.80
N HIS B 72 -3.97 -2.29 9.62
CA HIS B 72 -4.67 -2.31 8.32
C HIS B 72 -4.32 -0.91 7.78
N LEU B 73 -3.48 -0.87 6.76
CA LEU B 73 -3.02 0.41 6.24
C LEU B 73 -4.04 1.35 5.64
N GLU B 74 -5.17 0.80 5.18
CA GLU B 74 -6.22 1.67 4.64
C GLU B 74 -6.94 2.34 5.79
N LYS B 75 -7.22 1.57 6.85
CA LYS B 75 -7.90 2.16 8.00
C LYS B 75 -6.97 3.23 8.55
N LEU B 76 -5.66 2.96 8.57
CA LEU B 76 -4.73 3.95 9.10
C LEU B 76 -4.75 5.21 8.24
N HIS B 77 -4.63 5.04 6.92
CA HIS B 77 -4.65 6.21 6.04
C HIS B 77 -5.93 7.03 6.23
N ASP B 78 -7.06 6.34 6.33
CA ASP B 78 -8.37 6.99 6.51
C ASP B 78 -8.48 7.79 7.81
N SER B 79 -7.75 7.36 8.83
CA SER B 79 -7.77 8.00 10.14
C SER B 79 -6.95 9.29 10.22
N LEU B 80 -6.09 9.53 9.24
CA LEU B 80 -5.23 10.71 9.26
C LEU B 80 -5.88 11.92 8.61
N PRO B 81 -5.48 13.13 9.05
CA PRO B 81 -6.05 14.36 8.47
C PRO B 81 -5.76 14.38 6.96
N SER B 82 -6.70 14.90 6.18
CA SER B 82 -6.53 14.98 4.74
C SER B 82 -5.26 15.76 4.39
N SER B 83 -4.88 16.70 5.25
CA SER B 83 -3.70 17.53 5.02
C SER B 83 -2.39 16.72 4.93
N MET B 84 -2.38 15.48 5.43
CA MET B 84 -1.17 14.68 5.35
C MET B 84 -1.36 13.41 4.54
N HIS B 85 -2.44 13.38 3.75
CA HIS B 85 -2.75 12.21 2.93
C HIS B 85 -1.58 11.82 2.01
N ASP B 86 -1.04 12.79 1.29
CA ASP B 86 0.04 12.50 0.35
C ASP B 86 1.34 12.15 1.04
N ILE B 87 1.72 12.94 2.04
CA ILE B 87 2.95 12.65 2.75
C ILE B 87 2.88 11.27 3.39
N ALA B 88 1.74 10.90 3.98
CA ALA B 88 1.61 9.59 4.60
C ALA B 88 1.75 8.47 3.57
N MET B 89 1.10 8.65 2.42
CA MET B 89 1.14 7.65 1.38
C MET B 89 2.55 7.38 0.89
N HIS B 90 3.33 8.44 0.66
CA HIS B 90 4.70 8.25 0.21
C HIS B 90 5.58 7.70 1.31
N MET B 91 5.26 8.03 2.55
CA MET B 91 6.03 7.55 3.67
C MET B 91 5.84 6.05 3.83
N GLY B 92 4.65 5.55 3.51
CA GLY B 92 4.41 4.13 3.66
C GLY B 92 4.43 3.25 2.42
N LYS B 93 4.69 3.82 1.25
CA LYS B 93 4.65 3.02 0.03
C LYS B 93 5.67 1.90 -0.09
N ARG B 94 6.77 1.96 0.67
CA ARG B 94 7.72 0.86 0.62
C ARG B 94 7.80 0.26 2.02
N CYS B 95 6.67 0.33 2.72
CA CYS B 95 6.53 -0.20 4.08
C CYS B 95 5.21 -0.98 4.17
N LEU B 96 4.85 -1.67 3.09
CA LEU B 96 3.57 -2.35 3.05
C LEU B 96 3.41 -3.66 3.78
N TYR B 97 4.51 -4.41 3.91
CA TYR B 97 4.42 -5.76 4.48
C TYR B 97 5.35 -5.97 5.68
N PRO B 98 4.88 -5.59 6.86
CA PRO B 98 5.67 -5.71 8.10
C PRO B 98 6.16 -7.11 8.41
N GLU B 99 7.36 -7.17 8.97
CA GLU B 99 7.95 -8.45 9.34
C GLU B 99 8.17 -8.43 10.85
N GLY B 100 8.10 -9.61 11.45
CA GLY B 100 8.30 -9.73 12.88
C GLY B 100 7.42 -10.81 13.46
N GLU B 101 7.88 -11.41 14.54
CA GLU B 101 7.14 -12.47 15.20
C GLU B 101 5.92 -11.99 15.95
N THR B 102 6.07 -10.87 16.66
CA THR B 102 4.97 -10.36 17.46
C THR B 102 4.35 -9.09 16.92
N LEU B 103 3.19 -8.73 17.44
CA LEU B 103 2.51 -7.51 17.02
C LEU B 103 3.38 -6.31 17.42
N CYS B 104 4.08 -6.38 18.56
CA CYS B 104 4.95 -5.25 18.91
C CYS B 104 6.12 -5.12 17.91
N ASP B 105 6.69 -6.26 17.50
CA ASP B 105 7.78 -6.23 16.52
C ASP B 105 7.29 -5.65 15.19
N LYS B 106 6.11 -6.04 14.75
CA LYS B 106 5.61 -5.52 13.47
C LYS B 106 5.26 -4.05 13.58
N ALA B 107 4.79 -3.63 14.75
CA ALA B 107 4.44 -2.22 14.93
C ALA B 107 5.71 -1.38 14.85
N PHE B 108 6.78 -1.86 15.50
CA PHE B 108 8.06 -1.17 15.45
C PHE B 108 8.62 -1.16 14.02
N TRP B 109 8.47 -2.27 13.30
CA TRP B 109 8.94 -2.38 11.94
C TRP B 109 8.33 -1.25 11.11
N LEU B 110 7.03 -1.01 11.28
CA LEU B 110 6.34 0.04 10.54
C LEU B 110 6.86 1.43 10.90
N HIS B 111 6.92 1.75 12.20
CA HIS B 111 7.41 3.06 12.59
C HIS B 111 8.85 3.30 12.12
N LYS B 112 9.70 2.30 12.23
CA LYS B 112 11.08 2.43 11.77
C LYS B 112 11.10 2.65 10.26
N CYS B 113 10.28 1.89 9.53
CA CYS B 113 10.25 2.04 8.07
C CYS B 113 9.76 3.42 7.66
N TRP B 114 8.75 3.93 8.35
CA TRP B 114 8.24 5.27 8.03
C TRP B 114 9.29 6.35 8.33
N LYS B 115 9.94 6.22 9.48
CA LYS B 115 10.94 7.19 9.89
C LYS B 115 12.14 7.17 8.92
N GLN B 116 12.53 5.99 8.46
CA GLN B 116 13.62 5.88 7.50
C GLN B 116 13.22 6.52 6.17
N SER B 117 11.97 6.34 5.79
CA SER B 117 11.47 6.88 4.52
C SER B 117 11.34 8.40 4.47
N ASP B 118 10.85 9.00 5.55
CA ASP B 118 10.64 10.44 5.59
C ASP B 118 10.87 10.92 7.01
N PRO B 119 12.14 11.03 7.40
CA PRO B 119 12.46 11.48 8.76
C PRO B 119 11.95 12.87 9.11
N LYS B 120 11.85 13.73 8.12
CA LYS B 120 11.36 15.08 8.39
C LYS B 120 9.89 15.09 8.81
N HIS B 121 9.08 14.23 8.19
CA HIS B 121 7.66 14.24 8.53
C HIS B 121 7.22 13.17 9.49
N TYR B 122 8.10 12.24 9.77
CA TYR B 122 7.74 11.21 10.70
C TYR B 122 7.68 11.84 12.10
N PHE B 123 6.77 11.34 12.92
CA PHE B 123 6.68 11.80 14.31
C PHE B 123 6.02 10.70 15.13
N LEU B 124 6.19 10.79 16.43
CA LEU B 124 5.57 9.88 17.38
C LEU B 124 5.30 10.67 18.66
N VAL B 125 4.10 10.52 19.20
CA VAL B 125 3.77 11.21 20.44
C VAL B 125 3.11 10.18 21.36
MG MG C . -14.04 -19.71 -9.00
CAA PEU D . -9.04 13.06 10.90
OAB PEU D . -9.53 13.28 12.23
CAC PEU D . -8.59 14.04 12.99
CAD PEU D . -9.22 14.37 14.33
OAE PEU D . -9.59 13.15 14.99
CAF PEU D . -10.61 13.37 15.98
CAG PEU D . -11.14 12.02 16.43
OAH PEU D . -10.05 11.28 17.03
CAI PEU D . -10.41 9.91 17.27
CAJ PEU D . -9.21 9.18 17.85
OAK PEU D . -8.10 9.30 16.96
CAL PEU D . -6.94 8.65 17.51
CAM PEU D . -5.79 8.72 16.50
OAN PEU D . -6.18 8.04 15.31
CAO PEU D . -5.27 8.34 14.23
CAP PEU D . -4.43 7.12 13.86
OAQ PEU D . -3.55 6.79 14.95
CAR PEU D . -2.93 5.53 14.66
CAS PEU D . -1.95 5.11 15.75
OAT PEU D . -0.66 5.71 15.61
CAU PEU D . -0.66 7.10 15.96
CAV PEU D . 0.78 7.60 16.06
OAW PEU D . 1.43 7.50 14.79
CAX PEU D . 2.76 8.01 14.93
CAY PEU D . 3.48 7.97 13.58
OAZ PEU D . 2.86 8.84 12.62
CBA PEU D . 1.69 8.26 12.01
CBB PEU D . 2.08 7.12 11.08
OBC PEU D . 3.05 7.52 10.10
CCG PEU D . 2.54 8.48 9.15
CCF PEU D . 1.37 7.93 8.36
OCE PEU D . 1.75 6.75 7.62
CCD PEU D . 0.57 6.33 6.93
CCC PEU D . 0.85 5.30 5.85
OCB PEU D . -0.41 5.12 5.19
CCA PEU D . -0.34 4.19 4.10
CBZ PEU D . -1.67 4.27 3.36
OBY PEU D . -1.71 3.37 2.25
CBX PEU D . -1.00 3.91 1.12
CBW PEU D . -0.67 2.74 0.20
OBV PEU D . 0.07 3.14 -0.95
CBU PEU D . 0.72 1.96 -1.43
CBT PEU D . 1.24 2.10 -2.86
OBS PEU D . 1.84 0.83 -3.20
CBR PEU D . 1.98 0.67 -4.62
CBQ PEU D . 0.66 0.27 -5.26
OBP PEU D . 0.91 0.03 -6.65
CBO PEU D . -0.33 -0.09 -7.39
CBN PEU D . 0.05 -0.19 -8.86
OBM PEU D . -1.11 -0.22 -9.69
CBL PEU D . -0.66 -0.07 -11.05
CBK PEU D . -1.85 0.01 -11.99
OBJ PEU D . -1.38 0.27 -13.32
CBI PEU D . -2.48 0.27 -14.25
CBH PEU D . -2.87 -1.15 -14.61
OBG PEU D . -1.86 -1.83 -15.37
CBF PEU D . -0.66 -2.04 -14.61
CBE PEU D . 0.22 -3.00 -15.40
OBD PEU D . -0.43 -4.27 -15.47
CCH PEU D . 0.18 -5.07 -16.49
CCI PEU D . -0.20 -6.52 -16.28
OCJ PEU D . 0.35 -7.04 -15.05
CCK PEU D . 1.76 -7.26 -15.19
CCL PEU D . 2.54 -6.07 -14.67
OCM PEU D . 3.79 -6.01 -15.36
CCN PEU D . 4.64 -5.03 -14.74
CCO PEU D . 5.70 -4.59 -15.74
OCP PEU D . 6.48 -5.70 -16.21
CCQ PEU D . 6.16 -5.98 -17.58
CCR PEU D . 7.21 -6.89 -18.17
OCS PEU D . 8.47 -6.19 -18.21
CCT PEU D . 9.52 -7.03 -18.73
CCU PEU D . 10.83 -6.28 -18.75
OCV PEU D . 10.70 -5.10 -19.55
CCW PEU D . 11.91 -4.32 -19.56
CCX PEU D . 11.65 -3.00 -20.27
OCY PEU D . 10.67 -2.25 -19.53
CCZ PEU D . 10.16 -1.18 -20.33
CDA PEU D . 9.14 -0.37 -19.51
ODB PEU D . 9.79 0.45 -18.52
CDC PEU D . 10.14 -0.28 -17.32
CDD PEU D . 10.85 0.68 -16.39
ODE PEU D . 11.26 0.00 -15.20
#